data_6APW
#
_entry.id   6APW
#
_cell.length_a   94.454
_cell.length_b   94.454
_cell.length_c   130.978
_cell.angle_alpha   90.00
_cell.angle_beta   90.00
_cell.angle_gamma   90.00
#
_symmetry.space_group_name_H-M   'P 42 21 2'
#
loop_
_entity.id
_entity.type
_entity.pdbx_description
1 polymer 'Bifunctional ligase/repressor BirA'
2 non-polymer '4-[(4-{5-[(3aS,4S,6aR)-2-oxohexahydro-1H-thieno[3,4-d]imidazol-4-yl]pentyl}-1H-1,2,3-triazol-1-yl)methyl]benzoic acid'
3 water water
#
_entity_poly.entity_id   1
_entity_poly.type   'polypeptide(L)'
_entity_poly.pdbx_seq_one_letter_code
;MSKYSQDVLQLLYKNKPNYISGQSIAESLNISRTAVKKVIDQLKLEGCKIDSVNHKGHLLQQLPDIWYQGIIDQYTKSSA
LFDFSEVYDSIDSTQLAAKKSLVGNQSSFFILSDEQTKGRGRFNRHWSSSKGQGLWMSVVLRPNVAFSMISKFNLFIALG
IRDAIQHFSQDEVKVKWPNDIYIDNGKVCGFLTEMVANNDGIEAIICGIGINLTQQLENFDESIRHRATSIQLHDKNKLD
RYQFLERLLQEIEKRYNQFLTLPFSEIREEYNAASNIWNRTLLFTENDKQFKGQAIDLDYDGYLIVRDEAGESHRLISAD
IDFHHHHHH
;
_entity_poly.pdbx_strand_id   A
#
# COMPACT_ATOMS: atom_id res chain seq x y z
N SER A 2 10.99 -10.55 23.35
CA SER A 2 10.63 -11.90 23.79
C SER A 2 9.20 -12.26 23.40
N LYS A 3 8.61 -13.16 24.17
CA LYS A 3 7.22 -13.56 23.95
C LYS A 3 6.25 -12.40 24.16
N TYR A 4 6.68 -11.34 24.83
CA TYR A 4 5.79 -10.27 25.25
C TYR A 4 6.13 -8.91 24.64
N SER A 5 7.04 -8.87 23.67
CA SER A 5 7.40 -7.59 23.05
C SER A 5 6.20 -6.93 22.42
N GLN A 6 5.42 -7.68 21.63
CA GLN A 6 4.24 -7.11 20.98
C GLN A 6 3.20 -6.67 22.00
N ASP A 7 3.00 -7.46 23.05
CA ASP A 7 2.01 -7.11 24.07
C ASP A 7 2.39 -5.81 24.78
N VAL A 8 3.67 -5.67 25.14
CA VAL A 8 4.13 -4.43 25.76
C VAL A 8 4.04 -3.27 24.78
N LEU A 9 4.46 -3.50 23.54
CA LEU A 9 4.37 -2.47 22.51
C LEU A 9 2.93 -2.00 22.31
N GLN A 10 1.99 -2.95 22.26
CA GLN A 10 0.59 -2.61 22.09
C GLN A 10 0.09 -1.74 23.23
N LEU A 11 0.50 -2.04 24.46
CA LEU A 11 0.12 -1.23 25.61
C LEU A 11 0.74 0.16 25.54
N LEU A 12 2.03 0.24 25.20
CA LEU A 12 2.70 1.53 25.07
C LEU A 12 2.01 2.40 24.02
N TYR A 13 1.68 1.81 22.88
CA TYR A 13 1.00 2.54 21.82
C TYR A 13 -0.42 2.91 22.24
N LYS A 14 -1.15 1.96 22.81
CA LYS A 14 -2.53 2.20 23.23
C LYS A 14 -2.65 3.32 24.24
N ASN A 15 -1.59 3.64 24.96
CA ASN A 15 -1.65 4.58 26.07
C ASN A 15 -1.18 5.98 25.71
N LYS A 16 -0.64 6.19 24.51
CA LYS A 16 -0.24 7.52 24.09
C LYS A 16 -1.40 8.50 24.27
N PRO A 17 -1.13 9.74 24.69
CA PRO A 17 0.20 10.26 25.03
C PRO A 17 0.54 10.20 26.52
N ASN A 18 -0.13 9.32 27.26
CA ASN A 18 0.13 9.18 28.69
C ASN A 18 1.25 8.16 28.92
N TYR A 19 1.96 8.35 30.03
CA TYR A 19 2.96 7.39 30.45
C TYR A 19 2.27 6.19 31.10
N ILE A 20 2.93 5.03 31.01
CA ILE A 20 2.42 3.81 31.62
C ILE A 20 3.52 3.22 32.51
N SER A 21 3.17 2.90 33.75
CA SER A 21 4.16 2.43 34.70
C SER A 21 4.53 0.98 34.43
N GLY A 22 5.75 0.62 34.83
CA GLY A 22 6.17 -0.77 34.71
C GLY A 22 5.28 -1.70 35.50
N GLN A 23 4.90 -1.30 36.71
CA GLN A 23 3.95 -2.07 37.50
C GLN A 23 2.67 -2.31 36.73
N SER A 24 2.19 -1.30 36.00
CA SER A 24 0.94 -1.43 35.27
C SER A 24 1.05 -2.44 34.15
N ILE A 25 2.15 -2.38 33.38
CA ILE A 25 2.38 -3.38 32.35
C ILE A 25 2.52 -4.76 32.98
N ALA A 26 3.27 -4.85 34.08
CA ALA A 26 3.50 -6.13 34.75
C ALA A 26 2.18 -6.78 35.16
N GLU A 27 1.25 -6.01 35.71
CA GLU A 27 0.00 -6.58 36.21
C GLU A 27 -0.93 -7.00 35.09
N SER A 28 -0.90 -6.31 33.95
CA SER A 28 -1.82 -6.63 32.86
C SER A 28 -1.33 -7.81 32.02
N LEU A 29 -0.01 -7.98 31.88
CA LEU A 29 0.54 -9.15 31.22
C LEU A 29 0.88 -10.26 32.21
N ASN A 30 0.73 -10.01 33.50
CA ASN A 30 1.08 -10.94 34.58
C ASN A 30 2.49 -11.50 34.39
N ILE A 31 3.46 -10.57 34.32
CA ILE A 31 4.87 -10.91 34.33
C ILE A 31 5.58 -9.98 35.30
N SER A 32 6.80 -10.35 35.65
CA SER A 32 7.53 -9.62 36.66
C SER A 32 7.92 -8.23 36.17
N ARG A 33 8.14 -7.33 37.13
CA ARG A 33 8.69 -6.01 36.83
C ARG A 33 9.99 -6.14 36.06
N THR A 34 10.82 -7.11 36.44
CA THR A 34 12.11 -7.29 35.79
C THR A 34 11.94 -7.76 34.34
N ALA A 35 10.99 -8.65 34.09
CA ALA A 35 10.70 -9.05 32.72
C ALA A 35 10.28 -7.85 31.88
N VAL A 36 9.43 -6.99 32.45
CA VAL A 36 8.94 -5.82 31.71
C VAL A 36 10.09 -4.93 31.29
N LYS A 37 11.05 -4.69 32.19
CA LYS A 37 12.18 -3.85 31.83
C LYS A 37 13.03 -4.50 30.75
N LYS A 38 13.18 -5.83 30.80
CA LYS A 38 13.91 -6.52 29.75
C LYS A 38 13.24 -6.31 28.40
N VAL A 39 11.90 -6.38 28.35
CA VAL A 39 11.20 -6.17 27.09
C VAL A 39 11.39 -4.73 26.62
N ILE A 40 11.19 -3.76 27.52
CA ILE A 40 11.40 -2.36 27.17
C ILE A 40 12.80 -2.14 26.64
N ASP A 41 13.80 -2.73 27.31
CA ASP A 41 15.17 -2.61 26.83
C ASP A 41 15.35 -3.21 25.44
N GLN A 42 14.62 -4.29 25.15
CA GLN A 42 14.72 -4.90 23.83
C GLN A 42 14.07 -4.02 22.77
N LEU A 43 12.91 -3.43 23.07
CA LEU A 43 12.25 -2.56 22.12
C LEU A 43 13.12 -1.36 21.77
N LYS A 44 13.72 -0.73 22.78
CA LYS A 44 14.67 0.35 22.53
C LYS A 44 15.84 -0.14 21.70
N LEU A 45 16.26 -1.40 21.90
CA LEU A 45 17.36 -1.95 21.12
C LEU A 45 17.00 -2.01 19.64
N GLU A 46 15.76 -2.35 19.33
CA GLU A 46 15.33 -2.46 17.93
C GLU A 46 14.97 -1.11 17.31
N GLY A 47 15.15 -0.01 18.04
CA GLY A 47 14.92 1.31 17.48
C GLY A 47 13.68 2.02 17.99
N CYS A 48 12.92 1.42 18.88
CA CYS A 48 11.79 2.12 19.48
C CYS A 48 12.32 3.26 20.36
N LYS A 49 11.67 4.41 20.25
CA LYS A 49 12.00 5.56 21.08
C LYS A 49 10.97 5.61 22.20
N ILE A 50 11.36 5.11 23.36
CA ILE A 50 10.51 5.06 24.55
C ILE A 50 11.16 5.92 25.62
N ASP A 51 10.39 6.86 26.16
CA ASP A 51 10.86 7.67 27.27
C ASP A 51 10.49 7.00 28.58
N SER A 52 11.49 6.75 29.42
CA SER A 52 11.28 6.12 30.72
C SER A 52 11.62 7.13 31.80
N VAL A 53 10.69 7.28 32.75
CA VAL A 53 10.80 8.27 33.81
C VAL A 53 10.46 7.59 35.13
N ASN A 54 11.36 7.68 36.11
CA ASN A 54 11.14 7.03 37.40
C ASN A 54 9.88 7.57 38.07
N HIS A 55 9.19 6.67 38.78
CA HIS A 55 7.93 6.90 39.48
C HIS A 55 6.78 7.17 38.53
N LYS A 56 7.03 7.25 37.23
CA LYS A 56 6.00 7.60 36.26
C LYS A 56 5.76 6.48 35.26
N GLY A 57 6.78 6.07 34.51
CA GLY A 57 6.61 4.96 33.60
C GLY A 57 7.19 5.20 32.21
N HIS A 58 6.56 4.58 31.21
CA HIS A 58 7.10 4.55 29.86
C HIS A 58 6.12 5.18 28.87
N LEU A 59 6.69 5.78 27.82
CA LEU A 59 5.90 6.43 26.79
C LEU A 59 6.53 6.14 25.44
N LEU A 60 5.79 5.47 24.56
CA LEU A 60 6.25 5.26 23.20
C LEU A 60 6.26 6.59 22.46
N GLN A 61 7.44 7.03 22.05
CA GLN A 61 7.60 8.28 21.32
C GLN A 61 7.64 8.06 19.81
N GLN A 62 8.29 7.00 19.34
CA GLN A 62 8.45 6.77 17.92
C GLN A 62 8.90 5.35 17.63
N LEU A 63 8.26 4.71 16.67
CA LEU A 63 8.57 3.37 16.19
C LEU A 63 9.65 3.42 15.12
N PRO A 64 10.44 2.35 14.97
CA PRO A 64 11.44 2.33 13.90
C PRO A 64 10.84 1.95 12.55
N ASP A 65 11.69 1.72 11.55
CA ASP A 65 11.23 1.35 10.22
C ASP A 65 10.97 -0.15 10.11
N ILE A 66 10.16 -0.65 11.03
CA ILE A 66 9.85 -2.07 11.16
C ILE A 66 8.36 -2.21 11.42
N TRP A 67 7.73 -3.19 10.76
CA TRP A 67 6.32 -3.48 11.02
C TRP A 67 6.20 -4.37 12.26
N TYR A 68 5.33 -3.97 13.17
CA TYR A 68 5.05 -4.71 14.40
C TYR A 68 3.58 -5.12 14.41
N GLN A 69 3.31 -6.42 14.54
CA GLN A 69 1.94 -6.89 14.53
C GLN A 69 1.12 -6.23 15.64
N GLY A 70 1.72 -6.02 16.81
CA GLY A 70 1.00 -5.40 17.91
C GLY A 70 0.42 -4.05 17.55
N ILE A 71 1.21 -3.23 16.86
CA ILE A 71 0.73 -1.92 16.43
C ILE A 71 -0.38 -2.08 15.38
N ILE A 72 -0.11 -2.86 14.34
CA ILE A 72 -1.08 -3.04 13.26
C ILE A 72 -2.38 -3.65 13.78
N ASP A 73 -2.33 -4.40 14.88
CA ASP A 73 -3.55 -4.93 15.47
C ASP A 73 -4.44 -3.81 15.99
N GLN A 74 -3.86 -2.68 16.39
CA GLN A 74 -4.66 -1.53 16.78
C GLN A 74 -5.43 -0.97 15.59
N TYR A 75 -4.82 -1.01 14.40
CA TYR A 75 -5.47 -0.47 13.22
C TYR A 75 -6.65 -1.34 12.79
N THR A 76 -6.46 -2.66 12.80
CA THR A 76 -7.54 -3.57 12.42
C THR A 76 -8.66 -3.58 13.46
N LYS A 77 -8.30 -3.47 14.75
CA LYS A 77 -9.30 -3.42 15.80
C LYS A 77 -10.32 -2.31 15.55
N SER A 78 -9.83 -1.13 15.18
CA SER A 78 -10.70 0.02 14.95
C SER A 78 -11.28 0.05 13.55
N SER A 79 -10.82 -0.81 12.64
CA SER A 79 -11.28 -0.75 11.27
C SER A 79 -12.69 -1.30 11.13
N ALA A 80 -13.50 -0.63 10.32
CA ALA A 80 -14.81 -1.12 9.93
C ALA A 80 -14.76 -1.93 8.64
N LEU A 81 -13.56 -2.17 8.11
CA LEU A 81 -13.39 -2.88 6.85
C LEU A 81 -12.58 -4.16 7.00
N PHE A 82 -11.51 -4.16 7.79
CA PHE A 82 -10.59 -5.29 7.89
C PHE A 82 -10.83 -6.07 9.18
N ASP A 83 -10.92 -7.39 9.03
CA ASP A 83 -11.09 -8.27 10.20
C ASP A 83 -9.78 -8.51 10.91
N PHE A 84 -8.68 -8.64 10.16
CA PHE A 84 -7.38 -8.93 10.75
C PHE A 84 -6.30 -8.55 9.73
N SER A 85 -5.05 -8.79 10.09
CA SER A 85 -3.93 -8.55 9.20
C SER A 85 -2.79 -9.48 9.60
N GLU A 86 -1.98 -9.85 8.62
CA GLU A 86 -0.79 -10.69 8.84
C GLU A 86 0.45 -9.86 8.54
N VAL A 87 1.33 -9.73 9.52
CA VAL A 87 2.52 -8.91 9.41
C VAL A 87 3.74 -9.82 9.47
N TYR A 88 4.60 -9.73 8.45
CA TYR A 88 5.80 -10.54 8.35
C TYR A 88 7.02 -9.64 8.22
N ASP A 89 8.17 -10.14 8.68
CA ASP A 89 9.42 -9.45 8.40
C ASP A 89 9.95 -9.82 7.03
N SER A 90 9.72 -11.06 6.58
CA SER A 90 10.12 -11.50 5.26
C SER A 90 9.14 -12.57 4.79
N ILE A 91 8.99 -12.67 3.48
CA ILE A 91 8.00 -13.54 2.86
C ILE A 91 8.32 -13.62 1.37
N ASP A 92 7.78 -14.61 0.67
CA ASP A 92 8.01 -14.65 -0.77
C ASP A 92 7.18 -13.60 -1.48
N SER A 93 5.89 -13.50 -1.16
CA SER A 93 5.03 -12.48 -1.73
C SER A 93 3.79 -12.32 -0.88
N THR A 94 3.46 -11.06 -0.54
CA THR A 94 2.18 -10.81 0.12
C THR A 94 1.02 -11.23 -0.76
N GLN A 95 1.18 -11.15 -2.08
CA GLN A 95 0.12 -11.55 -2.99
C GLN A 95 -0.08 -13.07 -2.95
N LEU A 96 1.01 -13.84 -2.96
CA LEU A 96 0.89 -15.28 -2.82
C LEU A 96 0.26 -15.64 -1.48
N ALA A 97 0.67 -14.96 -0.42
CA ALA A 97 0.11 -15.23 0.90
C ALA A 97 -1.37 -14.91 0.96
N ALA A 98 -1.77 -13.78 0.35
CA ALA A 98 -3.17 -13.39 0.39
C ALA A 98 -4.04 -14.37 -0.39
N LYS A 99 -3.59 -14.77 -1.58
CA LYS A 99 -4.35 -15.70 -2.38
C LYS A 99 -4.53 -17.04 -1.68
N LYS A 100 -3.62 -17.39 -0.77
CA LYS A 100 -3.77 -18.60 0.02
C LYS A 100 -4.67 -18.40 1.23
N SER A 101 -4.59 -17.22 1.87
CA SER A 101 -5.34 -16.98 3.09
C SER A 101 -6.82 -16.72 2.85
N LEU A 102 -7.21 -16.30 1.65
CA LEU A 102 -8.62 -16.05 1.37
C LEU A 102 -9.42 -17.32 1.17
N VAL A 103 -8.76 -18.43 0.84
CA VAL A 103 -9.47 -19.65 0.49
C VAL A 103 -10.27 -20.15 1.68
N GLY A 104 -11.55 -20.46 1.44
CA GLY A 104 -12.37 -21.07 2.46
C GLY A 104 -13.01 -20.13 3.46
N ASN A 105 -12.96 -18.83 3.22
CA ASN A 105 -13.56 -17.87 4.14
C ASN A 105 -13.97 -16.63 3.37
N GLN A 106 -14.68 -15.74 4.06
CA GLN A 106 -15.11 -14.46 3.52
C GLN A 106 -14.56 -13.30 4.35
N SER A 107 -13.39 -13.49 4.94
CA SER A 107 -12.77 -12.43 5.73
C SER A 107 -12.18 -11.35 4.82
N SER A 108 -12.14 -10.14 5.35
CA SER A 108 -11.40 -9.03 4.73
C SER A 108 -10.17 -8.76 5.58
N PHE A 109 -9.02 -8.67 4.92
CA PHE A 109 -7.75 -8.57 5.63
C PHE A 109 -6.72 -7.98 4.69
N PHE A 110 -5.56 -7.62 5.27
CA PHE A 110 -4.41 -7.26 4.47
C PHE A 110 -3.18 -7.92 5.04
N ILE A 111 -2.14 -8.03 4.21
CA ILE A 111 -0.90 -8.69 4.56
C ILE A 111 0.24 -7.72 4.31
N LEU A 112 1.07 -7.50 5.32
CA LEU A 112 2.22 -6.60 5.25
C LEU A 112 3.50 -7.40 5.48
N SER A 113 4.54 -7.07 4.72
CA SER A 113 5.84 -7.69 4.89
C SER A 113 6.93 -6.65 4.70
N ASP A 114 7.89 -6.65 5.63
CA ASP A 114 9.01 -5.71 5.54
C ASP A 114 9.82 -5.92 4.27
N GLU A 115 9.89 -7.16 3.79
CA GLU A 115 10.62 -7.47 2.57
C GLU A 115 9.93 -8.63 1.88
N GLN A 116 10.02 -8.66 0.56
CA GLN A 116 9.51 -9.78 -0.23
C GLN A 116 10.67 -10.46 -0.93
N THR A 117 10.69 -11.80 -0.85
CA THR A 117 11.71 -12.59 -1.50
C THR A 117 11.44 -12.76 -2.99
N LYS A 118 10.16 -12.77 -3.37
CA LYS A 118 9.73 -13.08 -4.73
C LYS A 118 8.59 -12.16 -5.11
N GLY A 119 8.79 -10.86 -4.94
CA GLY A 119 7.76 -9.91 -5.35
C GLY A 119 7.56 -9.95 -6.85
N ARG A 120 6.29 -9.93 -7.26
CA ARG A 120 5.92 -10.01 -8.66
C ARG A 120 4.90 -8.93 -8.99
N GLY A 121 5.13 -8.26 -10.12
CA GLY A 121 4.18 -7.31 -10.66
C GLY A 121 3.35 -7.92 -11.77
N ARG A 122 2.83 -7.06 -12.64
CA ARG A 122 2.11 -7.52 -13.81
C ARG A 122 3.03 -8.33 -14.71
N PHE A 123 2.45 -9.30 -15.40
CA PHE A 123 3.17 -10.14 -16.36
C PHE A 123 4.36 -10.85 -15.71
N ASN A 124 4.24 -11.15 -14.41
CA ASN A 124 5.23 -11.91 -13.64
C ASN A 124 6.57 -11.20 -13.56
N ARG A 125 6.57 -9.86 -13.69
CA ARG A 125 7.81 -9.10 -13.59
C ARG A 125 8.34 -9.13 -12.17
N HIS A 126 9.67 -9.07 -12.06
CA HIS A 126 10.30 -8.97 -10.75
C HIS A 126 10.01 -7.60 -10.15
N TRP A 127 9.60 -7.59 -8.89
CA TRP A 127 9.36 -6.36 -8.14
C TRP A 127 10.32 -6.33 -6.96
N SER A 128 11.27 -5.39 -6.99
CA SER A 128 12.19 -5.25 -5.88
C SER A 128 11.43 -4.86 -4.62
N SER A 129 11.69 -5.57 -3.52
CA SER A 129 10.96 -5.38 -2.28
C SER A 129 11.93 -5.40 -1.11
N SER A 130 12.87 -4.44 -1.11
CA SER A 130 13.95 -4.44 -0.13
C SER A 130 13.42 -4.20 1.28
N LYS A 131 14.12 -4.78 2.25
CA LYS A 131 13.74 -4.68 3.65
C LYS A 131 13.92 -3.24 4.14
N GLY A 132 12.90 -2.73 4.85
CA GLY A 132 12.99 -1.45 5.51
C GLY A 132 12.73 -0.24 4.64
N GLN A 133 12.53 -0.41 3.34
CA GLN A 133 12.47 0.72 2.43
C GLN A 133 11.14 0.89 1.71
N GLY A 134 10.21 -0.06 1.82
CA GLY A 134 8.97 0.06 1.10
C GLY A 134 7.80 -0.56 1.82
N LEU A 135 6.61 -0.17 1.39
CA LEU A 135 5.36 -0.77 1.84
C LEU A 135 4.98 -1.84 0.82
N TRP A 136 5.04 -3.10 1.23
CA TRP A 136 4.64 -4.23 0.41
C TRP A 136 3.40 -4.84 1.04
N MET A 137 2.24 -4.58 0.45
CA MET A 137 0.96 -4.92 1.04
C MET A 137 0.05 -5.58 0.01
N SER A 138 -0.70 -6.57 0.46
CA SER A 138 -1.77 -7.16 -0.33
C SER A 138 -3.08 -7.03 0.45
N VAL A 139 -4.13 -6.61 -0.25
CA VAL A 139 -5.42 -6.31 0.37
C VAL A 139 -6.47 -7.23 -0.22
N VAL A 140 -7.26 -7.87 0.64
CA VAL A 140 -8.32 -8.77 0.22
C VAL A 140 -9.65 -8.20 0.69
N LEU A 141 -10.53 -7.88 -0.25
CA LEU A 141 -11.86 -7.37 0.01
C LEU A 141 -12.90 -8.29 -0.63
N ARG A 142 -14.17 -8.08 -0.27
CA ARG A 142 -15.25 -8.98 -0.65
C ARG A 142 -16.42 -8.21 -1.23
N PRO A 143 -16.25 -7.53 -2.37
CA PRO A 143 -17.37 -6.80 -2.97
C PRO A 143 -18.34 -7.75 -3.64
N ASN A 144 -19.63 -7.59 -3.31
CA ASN A 144 -20.70 -8.42 -3.88
C ASN A 144 -21.12 -7.84 -5.22
N VAL A 145 -20.23 -8.00 -6.21
CA VAL A 145 -20.43 -7.44 -7.54
C VAL A 145 -20.00 -8.48 -8.57
N ALA A 146 -20.44 -8.26 -9.82
CA ALA A 146 -20.05 -9.13 -10.92
C ALA A 146 -18.56 -8.99 -11.19
N PHE A 147 -18.00 -10.00 -11.89
CA PHE A 147 -16.55 -10.00 -12.09
C PHE A 147 -16.09 -8.95 -13.09
N SER A 148 -16.98 -8.48 -13.98
CA SER A 148 -16.58 -7.43 -14.91
C SER A 148 -16.20 -6.14 -14.20
N MET A 149 -16.65 -5.96 -12.96
CA MET A 149 -16.34 -4.77 -12.17
C MET A 149 -14.89 -4.68 -11.74
N ILE A 150 -14.04 -5.64 -12.10
CA ILE A 150 -12.65 -5.61 -11.64
C ILE A 150 -11.94 -4.37 -12.15
N SER A 151 -12.21 -3.99 -13.40
CA SER A 151 -11.52 -2.84 -13.99
C SER A 151 -11.91 -1.55 -13.27
N LYS A 152 -13.18 -1.43 -12.84
CA LYS A 152 -13.61 -0.24 -12.14
C LYS A 152 -12.94 -0.12 -10.77
N PHE A 153 -12.80 -1.25 -10.07
CA PHE A 153 -12.08 -1.24 -8.79
C PHE A 153 -10.69 -0.66 -8.96
N ASN A 154 -9.95 -1.16 -9.97
CA ASN A 154 -8.59 -0.69 -10.21
C ASN A 154 -8.54 0.83 -10.42
N LEU A 155 -9.60 1.40 -10.99
CA LEU A 155 -9.62 2.84 -11.22
C LEU A 155 -9.87 3.62 -9.93
N PHE A 156 -10.84 3.17 -9.13
CA PHE A 156 -11.14 3.85 -7.88
C PHE A 156 -9.96 3.77 -6.91
N ILE A 157 -9.29 2.62 -6.86
CA ILE A 157 -8.23 2.43 -5.89
C ILE A 157 -6.99 3.25 -6.25
N ALA A 158 -6.77 3.51 -7.55
CA ALA A 158 -5.64 4.32 -7.96
C ALA A 158 -5.69 5.70 -7.31
N LEU A 159 -6.85 6.35 -7.35
CA LEU A 159 -6.99 7.66 -6.72
C LEU A 159 -6.80 7.57 -5.21
N GLY A 160 -7.19 6.46 -4.59
CA GLY A 160 -6.96 6.30 -3.16
C GLY A 160 -5.48 6.27 -2.82
N ILE A 161 -4.73 5.43 -3.53
CA ILE A 161 -3.28 5.35 -3.32
C ILE A 161 -2.63 6.69 -3.64
N ARG A 162 -3.02 7.30 -4.75
CA ARG A 162 -2.45 8.59 -5.13
C ARG A 162 -2.70 9.64 -4.06
N ASP A 163 -3.91 9.65 -3.47
CA ASP A 163 -4.24 10.64 -2.46
C ASP A 163 -3.40 10.47 -1.20
N ALA A 164 -3.20 9.23 -0.77
CA ALA A 164 -2.40 8.98 0.43
C ALA A 164 -0.94 9.37 0.21
N ILE A 165 -0.39 9.04 -0.95
CA ILE A 165 0.98 9.45 -1.27
C ILE A 165 1.07 10.97 -1.36
N GLN A 166 0.17 11.58 -2.13
CA GLN A 166 0.18 13.03 -2.32
C GLN A 166 0.20 13.77 -0.98
N HIS A 167 -0.43 13.20 0.05
CA HIS A 167 -0.48 13.85 1.36
C HIS A 167 0.92 14.08 1.92
N PHE A 168 1.87 13.20 1.60
CA PHE A 168 3.21 13.28 2.16
C PHE A 168 4.23 13.86 1.21
N SER A 169 3.83 14.20 -0.01
CA SER A 169 4.75 14.68 -1.04
C SER A 169 4.50 16.15 -1.32
N GLN A 170 5.59 16.90 -1.45
CA GLN A 170 5.50 18.30 -1.85
C GLN A 170 5.28 18.43 -3.35
N ASP A 171 5.68 17.43 -4.13
CA ASP A 171 5.53 17.43 -5.57
C ASP A 171 4.26 16.67 -5.97
N GLU A 172 3.80 16.95 -7.18
CA GLU A 172 2.56 16.37 -7.67
C GLU A 172 2.69 14.87 -7.90
N VAL A 173 1.70 14.14 -7.43
CA VAL A 173 1.62 12.70 -7.58
C VAL A 173 0.56 12.40 -8.63
N LYS A 174 0.94 11.67 -9.66
CA LYS A 174 0.06 11.42 -10.80
C LYS A 174 -0.09 9.91 -11.02
N VAL A 175 -1.25 9.52 -11.53
CA VAL A 175 -1.52 8.14 -11.88
C VAL A 175 -1.09 7.92 -13.34
N LYS A 176 -0.38 6.83 -13.58
CA LYS A 176 -0.13 6.36 -14.94
C LYS A 176 -1.04 5.17 -15.17
N TRP A 177 -2.13 5.41 -15.90
CA TRP A 177 -3.12 4.38 -16.14
C TRP A 177 -2.47 3.15 -16.76
N PRO A 178 -2.85 1.93 -16.31
CA PRO A 178 -3.81 1.68 -15.24
C PRO A 178 -3.22 1.26 -13.89
N ASN A 179 -1.89 1.11 -13.78
CA ASN A 179 -1.34 0.38 -12.63
C ASN A 179 -0.11 1.01 -12.00
N ASP A 180 0.16 2.30 -12.22
CA ASP A 180 1.40 2.88 -11.71
C ASP A 180 1.16 4.31 -11.24
N ILE A 181 1.95 4.74 -10.26
CA ILE A 181 1.89 6.09 -9.71
C ILE A 181 3.27 6.70 -9.80
N TYR A 182 3.32 7.99 -10.15
CA TYR A 182 4.57 8.71 -10.37
C TYR A 182 4.60 9.98 -9.55
N ILE A 183 5.80 10.39 -9.17
CA ILE A 183 6.06 11.74 -8.65
C ILE A 183 7.08 12.35 -9.60
N ASP A 184 6.63 13.29 -10.43
CA ASP A 184 7.41 13.84 -11.55
C ASP A 184 7.72 12.69 -12.50
N ASN A 185 8.97 12.41 -12.81
CA ASN A 185 9.34 11.36 -13.75
C ASN A 185 9.64 10.03 -13.07
N GLY A 186 9.62 9.97 -11.74
CA GLY A 186 10.00 8.78 -11.02
C GLY A 186 8.77 8.00 -10.56
N LYS A 187 8.78 6.70 -10.86
CA LYS A 187 7.73 5.82 -10.38
C LYS A 187 7.89 5.59 -8.89
N VAL A 188 6.82 5.84 -8.14
CA VAL A 188 6.83 5.66 -6.69
C VAL A 188 5.99 4.47 -6.26
N CYS A 189 5.07 3.99 -7.10
CA CYS A 189 4.18 2.92 -6.69
C CYS A 189 3.72 2.12 -7.91
N GLY A 190 3.62 0.82 -7.71
CA GLY A 190 2.92 -0.04 -8.66
C GLY A 190 1.93 -0.89 -7.92
N PHE A 191 0.76 -1.11 -8.53
CA PHE A 191 -0.29 -1.90 -7.90
C PHE A 191 -0.97 -2.73 -8.97
N LEU A 192 -1.65 -3.78 -8.54
CA LEU A 192 -2.41 -4.60 -9.46
C LEU A 192 -3.58 -5.22 -8.72
N THR A 193 -4.70 -5.37 -9.45
CA THR A 193 -5.96 -5.87 -8.91
C THR A 193 -6.25 -7.23 -9.55
N GLU A 194 -6.34 -8.25 -8.72
CA GLU A 194 -6.71 -9.58 -9.16
C GLU A 194 -8.00 -9.99 -8.47
N MET A 195 -8.59 -11.08 -8.94
CA MET A 195 -9.85 -11.52 -8.37
C MET A 195 -9.96 -13.03 -8.43
N VAL A 196 -10.79 -13.56 -7.53
CA VAL A 196 -11.31 -14.92 -7.62
C VAL A 196 -12.80 -14.78 -7.87
N ALA A 197 -13.30 -15.43 -8.92
CA ALA A 197 -14.66 -15.17 -9.34
C ALA A 197 -15.20 -16.34 -10.13
N ASN A 198 -16.52 -16.36 -10.28
CA ASN A 198 -17.21 -17.26 -11.19
C ASN A 198 -18.34 -16.46 -11.85
N ASN A 199 -19.22 -17.16 -12.58
CA ASN A 199 -20.29 -16.47 -13.27
C ASN A 199 -21.26 -15.79 -12.30
N ASP A 200 -21.44 -16.35 -11.11
CA ASP A 200 -22.37 -15.77 -10.14
C ASP A 200 -21.76 -14.64 -9.32
N GLY A 201 -20.49 -14.30 -9.52
CA GLY A 201 -19.96 -13.09 -8.94
C GLY A 201 -18.53 -13.26 -8.47
N ILE A 202 -18.07 -12.26 -7.73
CA ILE A 202 -16.69 -12.17 -7.26
C ILE A 202 -16.60 -12.81 -5.89
N GLU A 203 -15.61 -13.69 -5.71
CA GLU A 203 -15.34 -14.30 -4.41
C GLU A 203 -14.37 -13.47 -3.59
N ALA A 204 -13.41 -12.80 -4.23
CA ALA A 204 -12.46 -11.95 -3.53
C ALA A 204 -11.76 -11.03 -4.53
N ILE A 205 -11.42 -9.84 -4.06
CA ILE A 205 -10.50 -8.95 -4.75
C ILE A 205 -9.18 -8.99 -4.00
N ILE A 206 -8.08 -9.18 -4.72
CA ILE A 206 -6.74 -9.16 -4.14
C ILE A 206 -5.98 -8.03 -4.82
N CYS A 207 -5.67 -6.98 -4.05
CA CYS A 207 -4.98 -5.80 -4.55
C CYS A 207 -3.59 -5.76 -3.94
N GLY A 208 -2.57 -5.99 -4.76
CA GLY A 208 -1.20 -5.91 -4.32
C GLY A 208 -0.64 -4.52 -4.58
N ILE A 209 -0.11 -3.90 -3.53
CA ILE A 209 0.34 -2.51 -3.58
C ILE A 209 1.78 -2.43 -3.13
N GLY A 210 2.66 -1.97 -4.00
CA GLY A 210 4.04 -1.72 -3.66
C GLY A 210 4.40 -0.26 -3.75
N ILE A 211 4.85 0.33 -2.64
CA ILE A 211 5.12 1.77 -2.56
C ILE A 211 6.53 1.97 -2.04
N ASN A 212 7.33 2.76 -2.75
CA ASN A 212 8.67 3.13 -2.32
C ASN A 212 8.55 4.20 -1.25
N LEU A 213 8.94 3.86 -0.01
CA LEU A 213 8.78 4.80 1.09
C LEU A 213 10.02 5.65 1.32
N THR A 214 11.17 5.03 1.56
CA THR A 214 12.33 5.77 2.04
C THR A 214 13.62 5.40 1.32
N GLN A 215 13.54 4.99 0.05
CA GLN A 215 14.77 4.78 -0.70
C GLN A 215 15.48 6.11 -0.91
N GLN A 216 16.81 6.05 -0.90
CA GLN A 216 17.62 7.11 -1.46
C GLN A 216 17.99 6.72 -2.88
N LEU A 217 18.24 7.73 -3.72
CA LEU A 217 18.51 7.50 -5.14
C LEU A 217 19.56 6.41 -5.34
N GLU A 218 20.58 6.39 -4.48
CA GLU A 218 21.61 5.38 -4.55
C GLU A 218 21.07 3.98 -4.25
N ASN A 219 19.92 3.87 -3.59
CA ASN A 219 19.35 2.56 -3.31
C ASN A 219 18.61 1.96 -4.49
N PHE A 220 18.15 2.79 -5.42
CA PHE A 220 17.60 2.26 -6.65
C PHE A 220 18.73 1.75 -7.55
N ASP A 221 18.36 0.86 -8.47
CA ASP A 221 19.31 0.34 -9.45
C ASP A 221 19.98 1.49 -10.18
N GLU A 222 21.10 1.22 -10.84
CA GLU A 222 21.75 2.26 -11.62
C GLU A 222 21.06 2.49 -12.95
N SER A 223 20.34 1.48 -13.46
CA SER A 223 19.65 1.60 -14.73
C SER A 223 18.32 2.32 -14.59
N ILE A 224 17.54 2.00 -13.56
CA ILE A 224 16.22 2.61 -13.39
C ILE A 224 16.24 3.89 -12.57
N ARG A 225 17.40 4.31 -12.07
CA ARG A 225 17.47 5.41 -11.12
C ARG A 225 16.83 6.68 -11.67
N HIS A 226 16.85 6.88 -12.98
CA HIS A 226 16.33 8.12 -13.55
C HIS A 226 14.80 8.18 -13.56
N ARG A 227 14.12 7.03 -13.41
CA ARG A 227 12.67 7.00 -13.44
C ARG A 227 12.11 6.24 -12.25
N ALA A 228 12.84 6.21 -11.15
CA ALA A 228 12.38 5.64 -9.90
C ALA A 228 12.54 6.68 -8.80
N THR A 229 11.55 6.76 -7.91
CA THR A 229 11.58 7.70 -6.80
C THR A 229 10.92 7.06 -5.59
N SER A 230 10.99 7.76 -4.47
CA SER A 230 10.35 7.32 -3.23
C SER A 230 9.66 8.52 -2.59
N ILE A 231 8.73 8.22 -1.68
CA ILE A 231 8.00 9.28 -0.98
C ILE A 231 8.97 10.18 -0.22
N GLN A 232 9.93 9.56 0.47
CA GLN A 232 10.87 10.34 1.29
C GLN A 232 11.64 11.35 0.46
N LEU A 233 11.97 11.00 -0.79
CA LEU A 233 12.69 11.93 -1.65
C LEU A 233 11.88 13.17 -2.00
N HIS A 234 10.61 13.24 -1.58
CA HIS A 234 9.77 14.41 -1.82
C HIS A 234 9.10 14.90 -0.54
N ASP A 235 9.61 14.52 0.63
CA ASP A 235 9.06 14.96 1.90
C ASP A 235 10.16 15.64 2.70
N LYS A 236 9.95 16.92 3.02
CA LYS A 236 10.92 17.65 3.84
C LYS A 236 11.08 17.03 5.22
N ASN A 237 10.00 16.46 5.76
CA ASN A 237 10.05 15.80 7.06
C ASN A 237 10.31 14.32 6.88
N LYS A 238 10.95 13.71 7.87
CA LYS A 238 11.15 12.26 7.87
C LYS A 238 9.82 11.55 7.69
N LEU A 239 9.81 10.51 6.88
CA LEU A 239 8.59 9.78 6.57
C LEU A 239 8.38 8.68 7.61
N ASP A 240 7.17 8.62 8.17
CA ASP A 240 6.83 7.60 9.16
C ASP A 240 5.95 6.53 8.54
N ARG A 241 6.43 5.29 8.55
CA ARG A 241 5.68 4.17 7.99
C ARG A 241 4.26 4.08 8.55
N TYR A 242 4.14 4.17 9.87
CA TYR A 242 2.84 4.10 10.52
C TYR A 242 1.90 5.21 10.04
N GLN A 243 2.37 6.45 10.11
CA GLN A 243 1.57 7.59 9.68
C GLN A 243 1.09 7.42 8.24
N PHE A 244 1.97 6.92 7.37
CA PHE A 244 1.58 6.72 5.97
C PHE A 244 0.58 5.57 5.84
N LEU A 245 0.91 4.40 6.40
CA LEU A 245 -0.02 3.28 6.37
C LEU A 245 -1.39 3.68 6.88
N GLU A 246 -1.44 4.53 7.90
CA GLU A 246 -2.71 4.95 8.48
C GLU A 246 -3.56 5.70 7.48
N ARG A 247 -2.94 6.63 6.72
CA ARG A 247 -3.68 7.38 5.72
C ARG A 247 -3.96 6.54 4.48
N LEU A 248 -3.05 5.62 4.15
CA LEU A 248 -3.29 4.73 3.02
C LEU A 248 -4.50 3.85 3.27
N LEU A 249 -4.61 3.28 4.47
CA LEU A 249 -5.79 2.49 4.81
C LEU A 249 -7.03 3.36 4.82
N GLN A 250 -6.90 4.60 5.31
CA GLN A 250 -8.00 5.57 5.24
C GLN A 250 -8.53 5.71 3.82
N GLU A 251 -7.64 5.98 2.87
CA GLU A 251 -8.06 6.29 1.51
C GLU A 251 -8.59 5.05 0.80
N ILE A 252 -7.95 3.90 0.99
CA ILE A 252 -8.45 2.66 0.39
C ILE A 252 -9.90 2.42 0.76
N GLU A 253 -10.23 2.61 2.04
CA GLU A 253 -11.60 2.42 2.51
C GLU A 253 -12.53 3.46 1.88
N LYS A 254 -12.09 4.72 1.80
CA LYS A 254 -12.90 5.76 1.19
C LYS A 254 -13.17 5.45 -0.28
N ARG A 255 -12.15 5.07 -1.04
CA ARG A 255 -12.32 4.76 -2.45
C ARG A 255 -13.01 3.42 -2.67
N TYR A 256 -12.98 2.53 -1.70
CA TYR A 256 -13.70 1.26 -1.84
C TYR A 256 -15.20 1.45 -1.66
N ASN A 257 -15.62 2.37 -0.79
CA ASN A 257 -17.04 2.64 -0.65
C ASN A 257 -17.58 3.39 -1.85
N GLN A 258 -16.79 4.30 -2.43
CA GLN A 258 -17.17 4.93 -3.69
C GLN A 258 -17.36 3.88 -4.78
N PHE A 259 -16.39 2.96 -4.89
CA PHE A 259 -16.47 1.89 -5.89
C PHE A 259 -17.82 1.16 -5.82
N LEU A 260 -18.34 0.96 -4.61
CA LEU A 260 -19.60 0.25 -4.42
C LEU A 260 -20.82 1.14 -4.61
N THR A 261 -20.66 2.47 -4.55
CA THR A 261 -21.80 3.37 -4.59
C THR A 261 -21.81 4.33 -5.77
N LEU A 262 -20.69 4.51 -6.46
CA LEU A 262 -20.62 5.49 -7.53
C LEU A 262 -20.30 4.81 -8.86
N PRO A 263 -20.88 5.31 -9.95
CA PRO A 263 -20.38 4.92 -11.28
C PRO A 263 -19.05 5.62 -11.53
N PHE A 264 -18.24 5.02 -12.41
CA PHE A 264 -16.96 5.63 -12.74
C PHE A 264 -17.12 7.04 -13.29
N SER A 265 -18.30 7.37 -13.85
CA SER A 265 -18.55 8.71 -14.36
C SER A 265 -18.28 9.78 -13.31
N GLU A 266 -18.54 9.47 -12.04
CA GLU A 266 -18.49 10.48 -10.98
C GLU A 266 -17.06 10.82 -10.55
N ILE A 267 -16.11 9.93 -10.77
CA ILE A 267 -14.70 10.21 -10.49
C ILE A 267 -13.88 10.36 -11.76
N ARG A 268 -14.50 10.17 -12.93
CA ARG A 268 -13.74 10.16 -14.18
C ARG A 268 -12.98 11.46 -14.38
N GLU A 269 -13.66 12.60 -14.24
CA GLU A 269 -12.99 13.88 -14.39
C GLU A 269 -11.85 14.03 -13.39
N GLU A 270 -12.08 13.60 -12.14
CA GLU A 270 -11.02 13.63 -11.14
C GLU A 270 -9.83 12.77 -11.57
N TYR A 271 -10.13 11.63 -12.20
CA TYR A 271 -9.10 10.71 -12.65
C TYR A 271 -8.21 11.27 -13.76
N ASN A 272 -8.79 12.06 -14.64
CA ASN A 272 -8.02 12.65 -15.75
C ASN A 272 -7.07 13.72 -15.26
N ALA A 273 -7.56 14.63 -14.42
CA ALA A 273 -6.69 15.65 -13.84
C ALA A 273 -5.53 15.04 -13.07
N ALA A 274 -5.66 13.79 -12.62
CA ALA A 274 -4.63 13.12 -11.84
C ALA A 274 -3.72 12.22 -12.68
N SER A 275 -3.94 12.14 -13.99
CA SER A 275 -3.17 11.25 -14.84
C SER A 275 -2.11 12.03 -15.61
N ASN A 276 -0.97 11.38 -15.85
CA ASN A 276 0.17 11.98 -16.52
C ASN A 276 0.43 11.37 -17.90
N ILE A 277 -0.62 10.90 -18.56
CA ILE A 277 -0.47 10.18 -19.83
C ILE A 277 -0.91 11.02 -21.02
N TRP A 278 -1.25 12.29 -20.80
CA TRP A 278 -1.79 13.15 -21.85
C TRP A 278 -0.69 13.98 -22.50
N ASN A 279 -0.90 14.33 -23.77
CA ASN A 279 -0.03 15.24 -24.51
C ASN A 279 1.40 14.72 -24.59
N ARG A 280 1.55 13.42 -24.88
CA ARG A 280 2.85 12.80 -24.90
C ARG A 280 2.77 11.51 -25.72
N THR A 281 3.88 11.17 -26.36
CA THR A 281 3.98 9.87 -27.02
C THR A 281 4.06 8.76 -25.99
N LEU A 282 3.13 7.81 -26.09
CA LEU A 282 3.15 6.62 -25.26
C LEU A 282 3.48 5.41 -26.12
N LEU A 283 4.22 4.47 -25.54
CA LEU A 283 4.58 3.24 -26.22
C LEU A 283 3.75 2.10 -25.63
N PHE A 284 3.03 1.39 -26.48
CA PHE A 284 2.12 0.33 -26.07
C PHE A 284 2.70 -1.02 -26.43
N THR A 285 2.60 -1.97 -25.50
CA THR A 285 2.99 -3.35 -25.74
C THR A 285 1.73 -4.22 -25.69
N GLU A 286 1.56 -5.04 -26.71
CA GLU A 286 0.42 -5.95 -26.84
C GLU A 286 0.99 -7.29 -27.30
N ASN A 287 1.38 -8.12 -26.33
CA ASN A 287 2.00 -9.42 -26.61
C ASN A 287 3.24 -9.23 -27.48
N ASP A 288 3.12 -9.60 -28.76
CA ASP A 288 4.20 -9.48 -29.74
C ASP A 288 4.28 -8.09 -30.34
N LYS A 289 3.17 -7.37 -30.42
CA LYS A 289 3.11 -6.10 -31.12
C LYS A 289 3.46 -4.95 -30.19
N GLN A 290 4.17 -3.96 -30.74
CA GLN A 290 4.42 -2.71 -30.05
C GLN A 290 4.13 -1.57 -31.02
N PHE A 291 3.63 -0.47 -30.48
CA PHE A 291 3.29 0.68 -31.31
C PHE A 291 3.25 1.92 -30.44
N LYS A 292 3.35 3.07 -31.10
CA LYS A 292 3.24 4.35 -30.43
C LYS A 292 1.84 4.93 -30.64
N GLY A 293 1.43 5.77 -29.70
CA GLY A 293 0.12 6.37 -29.79
C GLY A 293 -0.01 7.50 -28.79
N GLN A 294 -1.16 8.15 -28.83
CA GLN A 294 -1.48 9.26 -27.93
C GLN A 294 -2.81 8.98 -27.25
N ALA A 295 -2.82 9.17 -25.93
CA ALA A 295 -4.06 9.01 -25.17
C ALA A 295 -4.99 10.17 -25.49
N ILE A 296 -6.19 9.86 -25.95
CA ILE A 296 -7.20 10.86 -26.28
C ILE A 296 -8.13 11.12 -25.11
N ASP A 297 -8.59 10.07 -24.44
CA ASP A 297 -9.58 10.22 -23.40
C ASP A 297 -9.71 8.92 -22.62
N LEU A 298 -10.15 9.05 -21.37
CA LEU A 298 -10.68 7.94 -20.59
C LEU A 298 -12.20 8.05 -20.66
N ASP A 299 -12.85 7.09 -21.32
CA ASP A 299 -14.29 7.23 -21.49
C ASP A 299 -15.01 6.92 -20.18
N TYR A 300 -16.33 7.05 -20.22
CA TYR A 300 -17.19 6.84 -19.05
C TYR A 300 -17.04 5.45 -18.44
N ASP A 301 -16.48 4.49 -19.18
CA ASP A 301 -16.45 3.10 -18.76
C ASP A 301 -15.05 2.64 -18.34
N GLY A 302 -14.12 3.57 -18.14
CA GLY A 302 -12.76 3.22 -17.78
C GLY A 302 -11.85 2.87 -18.93
N TYR A 303 -12.35 2.84 -20.16
CA TYR A 303 -11.54 2.51 -21.32
C TYR A 303 -10.71 3.70 -21.75
N LEU A 304 -9.43 3.45 -22.02
CA LEU A 304 -8.58 4.46 -22.62
C LEU A 304 -8.81 4.49 -24.13
N ILE A 305 -8.98 5.68 -24.68
CA ILE A 305 -9.17 5.88 -26.11
C ILE A 305 -7.87 6.44 -26.66
N VAL A 306 -7.27 5.74 -27.61
CA VAL A 306 -5.94 6.06 -28.09
C VAL A 306 -5.99 6.20 -29.60
N ARG A 307 -5.29 7.19 -30.12
CA ARG A 307 -5.02 7.32 -31.55
C ARG A 307 -3.58 6.91 -31.77
N ASP A 308 -3.37 5.80 -32.46
CA ASP A 308 -2.02 5.28 -32.59
C ASP A 308 -1.24 6.09 -33.62
N GLU A 309 0.00 5.66 -33.87
CA GLU A 309 0.88 6.38 -34.77
C GLU A 309 0.38 6.37 -36.21
N ALA A 310 -0.41 5.37 -36.59
CA ALA A 310 -0.94 5.25 -37.95
C ALA A 310 -2.28 5.94 -38.12
N GLY A 311 -2.75 6.66 -37.10
CA GLY A 311 -4.03 7.33 -37.14
C GLY A 311 -5.21 6.49 -36.71
N GLU A 312 -5.02 5.20 -36.47
CA GLU A 312 -6.11 4.32 -36.09
C GLU A 312 -6.45 4.49 -34.62
N SER A 313 -7.69 4.18 -34.28
CA SER A 313 -8.19 4.31 -32.92
C SER A 313 -8.17 2.96 -32.21
N HIS A 314 -7.98 3.01 -30.90
CA HIS A 314 -8.13 1.84 -30.05
C HIS A 314 -8.90 2.24 -28.80
N ARG A 315 -9.57 1.25 -28.21
CA ARG A 315 -10.30 1.44 -26.97
C ARG A 315 -9.92 0.27 -26.07
N LEU A 316 -9.09 0.54 -25.07
CA LEU A 316 -8.42 -0.49 -24.30
C LEU A 316 -8.92 -0.49 -22.86
N ILE A 317 -9.37 -1.65 -22.40
CA ILE A 317 -9.71 -1.81 -20.99
C ILE A 317 -8.47 -1.72 -20.12
N SER A 318 -7.29 -2.00 -20.69
CA SER A 318 -6.04 -2.02 -19.97
C SER A 318 -4.90 -2.03 -20.99
N ALA A 319 -3.73 -1.55 -20.58
CA ALA A 319 -2.60 -1.47 -21.48
C ALA A 319 -1.29 -1.62 -20.71
N ASP A 320 -0.20 -1.77 -21.46
CA ASP A 320 1.16 -1.87 -20.92
C ASP A 320 1.93 -0.69 -21.50
N ILE A 321 1.95 0.42 -20.77
CA ILE A 321 2.36 1.72 -21.30
C ILE A 321 3.76 2.06 -20.80
N ASP A 322 4.62 2.47 -21.72
CA ASP A 322 5.91 3.07 -21.40
C ASP A 322 5.93 4.52 -21.86
N PHE A 323 6.74 5.33 -21.19
CA PHE A 323 6.85 6.74 -21.54
C PHE A 323 7.94 6.97 -22.59
#